data_6YCV
#
_entry.id   6YCV
#
_entity_poly.entity_id   1
_entity_poly.type   'polydeoxyribonucleotide'
_entity_poly.pdbx_seq_one_letter_code
;(DG)(DG)(DG)(DA)(DT)(DG)(DG)(DG)(DA)(DC)(DA)(DC)(DA)(GF2)(LCG)(DG)(DG)(DA)(DC)
(DG)(DG)(DG)
;
_entity_poly.pdbx_strand_id   A
#